data_6N4K
#
_entry.id   6N4K
#
_cell.length_a   103.620
_cell.length_b   45.199
_cell.length_c   108.772
_cell.angle_alpha   90.000
_cell.angle_beta   96.580
_cell.angle_gamma   90.000
#
_symmetry.space_group_name_H-M   'C 1 2 1'
#
loop_
_entity.id
_entity.type
_entity.pdbx_description
1 polymer 'Nitrogenase iron protein 1'
2 non-polymer 'IRON/SULFUR CLUSTER'
3 water water
#
_entity_poly.entity_id   1
_entity_poly.type   'polypeptide(L)'
_entity_poly.pdbx_seq_one_letter_code
;AMRQCAIYGKGGIGKSTTTQNLVAALAEMGKKVMIVGCDPKADSTRLILHSKAQNTIMEMAAEAGTVEDLELEDVLKAGY
GGVKCVESGGPEPGVGCAGRGVITAINFLEEEGAYEDDLDFVFYDVLGDVVCGGFAMPIRENKAQEIYIVCSGEMMAMYA
ANNISKGIVKYANSGSVRLGGLICNSRNTDREDELIIALANKLGTQMIHFVPRDNVVQRAEIRRMTVIEYDPKAKQADEY
RALARKVVDNKLLVIPNPITMDELEELLMEFGIMEVEDESIVGKTAEEV
;
_entity_poly.pdbx_strand_id   A,B
#
loop_
_chem_comp.id
_chem_comp.type
_chem_comp.name
_chem_comp.formula
SF4 non-polymer 'IRON/SULFUR CLUSTER' 'Fe4 S4'
#
# COMPACT_ATOMS: atom_id res chain seq x y z
C ALA A 1 23.67 -6.03 -21.48
N MET A 2 22.53 -5.36 -21.21
CA MET A 2 21.55 -5.72 -20.16
C MET A 2 20.44 -4.68 -20.13
N ARG A 3 19.17 -5.10 -20.12
CA ARG A 3 18.06 -4.15 -19.94
C ARG A 3 17.59 -4.18 -18.49
N GLN A 4 17.65 -3.03 -17.84
CA GLN A 4 17.30 -2.84 -16.42
C GLN A 4 15.89 -2.25 -16.39
N CYS A 5 14.92 -3.06 -15.94
CA CYS A 5 13.48 -2.73 -15.97
C CYS A 5 12.94 -2.77 -14.54
N ALA A 6 11.86 -2.04 -14.31
CA ALA A 6 11.10 -2.18 -13.06
C ALA A 6 9.61 -2.26 -13.39
N ILE A 7 8.92 -3.07 -12.61
CA ILE A 7 7.44 -3.17 -12.63
C ILE A 7 6.94 -2.49 -11.37
N TYR A 8 6.19 -1.41 -11.53
CA TYR A 8 5.54 -0.69 -10.40
C TYR A 8 4.03 -0.86 -10.54
N GLY A 9 3.33 -0.90 -9.41
CA GLY A 9 1.87 -0.98 -9.44
C GLY A 9 1.32 -1.09 -8.05
N LYS A 10 0.07 -0.71 -7.87
CA LYS A 10 -0.57 -0.82 -6.54
C LYS A 10 -0.64 -2.30 -6.14
N GLY A 11 -0.77 -2.55 -4.84
CA GLY A 11 -0.91 -3.92 -4.31
C GLY A 11 -2.29 -4.47 -4.61
N GLY A 12 -2.47 -5.78 -4.49
CA GLY A 12 -3.77 -6.45 -4.53
C GLY A 12 -4.38 -6.53 -5.92
N ILE A 13 -3.60 -6.33 -6.99
CA ILE A 13 -4.15 -6.45 -8.37
C ILE A 13 -3.33 -7.46 -9.20
N GLY A 14 -2.48 -8.26 -8.56
CA GLY A 14 -1.72 -9.33 -9.22
C GLY A 14 -0.48 -8.83 -9.92
N LYS A 15 0.06 -7.67 -9.52
CA LYS A 15 1.31 -7.13 -10.16
C LYS A 15 2.43 -8.16 -10.10
N SER A 16 2.73 -8.74 -8.93
CA SER A 16 3.88 -9.66 -8.76
C SER A 16 3.62 -10.96 -9.54
N THR A 17 2.36 -11.40 -9.62
CA THR A 17 1.96 -12.57 -10.46
C THR A 17 2.25 -12.27 -11.93
N THR A 18 1.85 -11.10 -12.41
CA THR A 18 2.14 -10.68 -13.81
C THR A 18 3.65 -10.60 -14.01
N THR A 19 4.40 -10.00 -13.08
CA THR A 19 5.88 -9.86 -13.20
C THR A 19 6.52 -11.25 -13.38
N GLN A 20 6.14 -12.20 -12.55
CA GLN A 20 6.81 -13.53 -12.54
C GLN A 20 6.39 -14.30 -13.80
N ASN A 21 5.13 -14.18 -14.22
CA ASN A 21 4.64 -14.85 -15.46
C ASN A 21 5.37 -14.26 -16.67
N LEU A 22 5.52 -12.95 -16.72
CA LEU A 22 6.29 -12.25 -17.79
C LEU A 22 7.72 -12.80 -17.80
N VAL A 23 8.37 -12.85 -16.64
CA VAL A 23 9.79 -13.28 -16.54
C VAL A 23 9.91 -14.74 -16.96
N ALA A 24 8.97 -15.61 -16.56
CA ALA A 24 8.98 -17.04 -16.93
C ALA A 24 8.86 -17.17 -18.46
N ALA A 25 8.04 -16.33 -19.09
CA ALA A 25 7.89 -16.32 -20.57
C ALA A 25 9.22 -15.89 -21.20
N LEU A 26 9.91 -14.92 -20.62
CA LEU A 26 11.20 -14.42 -21.16
C LEU A 26 12.23 -15.56 -21.07
N ALA A 27 12.28 -16.25 -19.93
CA ALA A 27 13.16 -17.42 -19.70
C ALA A 27 12.82 -18.53 -20.70
N GLU A 28 11.54 -18.80 -20.91
CA GLU A 28 11.07 -19.82 -21.89
C GLU A 28 11.62 -19.52 -23.29
N MET A 29 11.71 -18.23 -23.66
CA MET A 29 12.28 -17.73 -24.94
C MET A 29 13.81 -17.84 -24.95
N GLY A 30 14.43 -18.22 -23.83
CA GLY A 30 15.90 -18.32 -23.68
C GLY A 30 16.53 -17.02 -23.19
N LYS A 31 15.76 -16.07 -22.68
CA LYS A 31 16.33 -14.84 -22.07
C LYS A 31 16.86 -15.20 -20.68
N LYS A 32 18.01 -14.63 -20.31
CA LYS A 32 18.62 -14.77 -18.95
C LYS A 32 18.12 -13.61 -18.10
N VAL A 33 17.36 -13.90 -17.04
CA VAL A 33 16.64 -12.85 -16.27
C VAL A 33 16.98 -12.96 -14.79
N MET A 34 17.10 -11.81 -14.14
CA MET A 34 17.15 -11.72 -12.67
C MET A 34 15.97 -10.88 -12.18
N ILE A 35 15.29 -11.37 -11.14
CA ILE A 35 14.22 -10.63 -10.42
C ILE A 35 14.78 -10.18 -9.09
N VAL A 36 14.64 -8.89 -8.80
CA VAL A 36 14.95 -8.27 -7.48
C VAL A 36 13.63 -7.83 -6.87
N GLY A 37 13.19 -8.53 -5.84
CA GLY A 37 11.93 -8.23 -5.16
C GLY A 37 12.07 -7.01 -4.27
N CYS A 38 11.21 -6.01 -4.47
CA CYS A 38 11.19 -4.74 -3.72
C CYS A 38 9.74 -4.44 -3.29
N ASP A 39 8.99 -5.47 -2.87
CA ASP A 39 7.56 -5.32 -2.56
C ASP A 39 7.23 -6.04 -1.25
N PRO A 40 7.07 -5.32 -0.11
CA PRO A 40 6.75 -5.96 1.16
C PRO A 40 5.31 -6.53 1.25
N LYS A 41 4.48 -6.33 0.21
CA LYS A 41 3.09 -6.87 0.15
C LYS A 41 2.97 -8.03 -0.84
N ALA A 42 4.07 -8.59 -1.35
CA ALA A 42 4.04 -9.70 -2.33
C ALA A 42 5.29 -10.58 -2.20
N ASP A 43 5.18 -11.85 -2.53
CA ASP A 43 6.38 -12.73 -2.67
C ASP A 43 6.78 -12.65 -4.15
N SER A 44 7.77 -11.80 -4.48
CA SER A 44 8.21 -11.48 -5.87
C SER A 44 8.87 -12.67 -6.57
N THR A 45 9.27 -13.71 -5.83
CA THR A 45 10.06 -14.83 -6.41
C THR A 45 9.37 -16.18 -6.13
N ARG A 46 8.25 -16.19 -5.41
CA ARG A 46 7.58 -17.45 -4.98
C ARG A 46 7.28 -18.35 -6.17
N LEU A 47 6.79 -17.78 -7.27
CA LEU A 47 6.26 -18.59 -8.41
C LEU A 47 7.41 -19.11 -9.27
N ILE A 48 8.61 -18.51 -9.14
CA ILE A 48 9.83 -18.92 -9.89
C ILE A 48 10.58 -19.98 -9.09
N LEU A 49 10.66 -19.82 -7.76
CA LEU A 49 11.43 -20.73 -6.87
C LEU A 49 10.55 -21.85 -6.31
N HIS A 50 9.22 -21.74 -6.42
CA HIS A 50 8.25 -22.70 -5.84
C HIS A 50 8.33 -22.67 -4.30
N SER A 51 8.86 -21.59 -3.73
CA SER A 51 9.15 -21.45 -2.28
C SER A 51 8.20 -20.39 -1.70
N LYS A 52 7.62 -20.61 -0.52
CA LYS A 52 6.55 -19.75 0.04
C LYS A 52 7.08 -18.33 0.32
N ALA A 53 8.31 -18.21 0.82
CA ALA A 53 8.94 -16.91 1.19
C ALA A 53 10.46 -17.05 1.10
N GLN A 54 11.05 -16.56 0.02
CA GLN A 54 12.52 -16.61 -0.13
C GLN A 54 13.16 -15.80 1.01
N ASN A 55 14.24 -16.31 1.60
CA ASN A 55 15.01 -15.58 2.64
C ASN A 55 15.47 -14.25 2.03
N THR A 56 15.23 -13.14 2.73
CA THR A 56 15.55 -11.78 2.22
C THR A 56 16.96 -11.36 2.62
N ILE A 57 17.56 -10.44 1.86
CA ILE A 57 18.93 -9.96 2.19
C ILE A 57 18.91 -9.30 3.56
N MET A 58 17.88 -8.51 3.88
CA MET A 58 17.83 -7.81 5.19
C MET A 58 17.73 -8.83 6.33
N GLU A 59 16.87 -9.86 6.22
CA GLU A 59 16.68 -10.90 7.27
C GLU A 59 18.03 -11.55 7.56
N MET A 60 18.69 -11.96 6.49
CA MET A 60 19.94 -12.73 6.57
C MET A 60 21.09 -11.84 7.05
N ALA A 61 21.15 -10.57 6.63
CA ALA A 61 22.16 -9.59 7.11
C ALA A 61 22.01 -9.38 8.62
N ALA A 62 20.79 -9.08 9.09
CA ALA A 62 20.47 -8.83 10.52
C ALA A 62 20.98 -10.01 11.35
N GLU A 63 20.69 -11.23 10.88
CA GLU A 63 21.04 -12.49 11.59
C GLU A 63 22.56 -12.63 11.70
N ALA A 64 23.29 -12.37 10.60
CA ALA A 64 24.73 -12.66 10.43
C ALA A 64 25.56 -11.51 10.98
N GLY A 65 24.91 -10.38 11.28
CA GLY A 65 25.54 -9.18 11.86
C GLY A 65 25.78 -8.14 10.79
N THR A 66 26.42 -8.54 9.68
CA THR A 66 26.68 -7.65 8.52
C THR A 66 26.37 -8.36 7.20
N VAL A 67 26.13 -7.56 6.17
CA VAL A 67 25.85 -8.00 4.77
C VAL A 67 27.14 -8.60 4.18
N GLU A 68 28.32 -8.16 4.62
CA GLU A 68 29.62 -8.66 4.06
C GLU A 68 29.88 -10.11 4.51
N ASP A 69 29.15 -10.60 5.52
CA ASP A 69 29.22 -11.99 6.01
C ASP A 69 28.29 -12.90 5.19
N LEU A 70 27.39 -12.33 4.39
CA LEU A 70 26.52 -13.12 3.49
C LEU A 70 27.37 -13.61 2.31
N GLU A 71 27.03 -14.81 1.82
CA GLU A 71 27.56 -15.38 0.56
C GLU A 71 26.49 -15.17 -0.51
N LEU A 72 26.91 -14.96 -1.76
CA LEU A 72 25.96 -14.67 -2.86
C LEU A 72 24.89 -15.79 -2.90
N GLU A 73 25.29 -17.04 -2.69
CA GLU A 73 24.38 -18.22 -2.79
C GLU A 73 23.32 -18.17 -1.68
N ASP A 74 23.52 -17.42 -0.60
CA ASP A 74 22.50 -17.25 0.47
C ASP A 74 21.32 -16.44 -0.06
N VAL A 75 21.60 -15.54 -1.01
CA VAL A 75 20.79 -14.36 -1.39
C VAL A 75 20.12 -14.65 -2.74
N LEU A 76 20.91 -15.19 -3.66
CA LEU A 76 20.55 -15.31 -5.10
C LEU A 76 20.29 -16.78 -5.41
N LYS A 77 19.04 -17.09 -5.73
CA LYS A 77 18.56 -18.48 -5.95
C LYS A 77 18.07 -18.62 -7.40
N ALA A 78 18.35 -19.77 -8.02
CA ALA A 78 17.92 -20.09 -9.40
C ALA A 78 16.63 -20.91 -9.36
N GLY A 79 15.65 -20.53 -10.18
CA GLY A 79 14.35 -21.21 -10.23
C GLY A 79 14.02 -21.63 -11.64
N TYR A 80 12.72 -21.64 -11.94
CA TYR A 80 12.20 -22.03 -13.26
C TYR A 80 13.02 -21.33 -14.35
N GLY A 81 13.51 -22.09 -15.33
CA GLY A 81 14.15 -21.57 -16.55
C GLY A 81 15.47 -20.86 -16.28
N GLY A 82 16.12 -21.12 -15.14
CA GLY A 82 17.40 -20.48 -14.79
C GLY A 82 17.23 -19.06 -14.27
N VAL A 83 15.99 -18.63 -14.03
CA VAL A 83 15.70 -17.24 -13.55
C VAL A 83 16.31 -17.07 -12.16
N LYS A 84 17.16 -16.06 -11.98
CA LYS A 84 17.86 -15.77 -10.70
C LYS A 84 16.95 -14.86 -9.88
N CYS A 85 16.84 -15.14 -8.58
CA CYS A 85 15.82 -14.54 -7.69
C CYS A 85 16.49 -14.01 -6.43
N VAL A 86 16.18 -12.76 -6.07
CA VAL A 86 16.63 -12.14 -4.80
C VAL A 86 15.45 -11.34 -4.24
N GLU A 87 15.31 -11.34 -2.91
CA GLU A 87 14.34 -10.50 -2.19
C GLU A 87 15.12 -9.50 -1.35
N SER A 88 14.81 -8.21 -1.48
CA SER A 88 15.42 -7.13 -0.66
C SER A 88 15.08 -7.31 0.82
N GLY A 89 13.79 -7.49 1.14
CA GLY A 89 13.37 -7.49 2.55
C GLY A 89 12.81 -6.14 2.91
N GLY A 90 11.60 -6.16 3.48
CA GLY A 90 10.75 -4.98 3.72
C GLY A 90 11.39 -4.17 4.83
N PRO A 91 10.76 -3.07 5.26
CA PRO A 91 11.33 -2.29 6.36
C PRO A 91 11.18 -3.05 7.67
N GLU A 92 12.15 -2.90 8.57
CA GLU A 92 12.00 -3.28 9.99
C GLU A 92 10.72 -2.63 10.50
N PRO A 93 9.70 -3.40 10.94
CA PRO A 93 8.40 -2.83 11.29
C PRO A 93 8.47 -1.60 12.20
N GLY A 94 7.89 -0.49 11.72
CA GLY A 94 7.69 0.73 12.51
C GLY A 94 8.94 1.62 12.54
N VAL A 95 10.10 1.15 12.08
CA VAL A 95 11.38 1.89 12.29
C VAL A 95 12.15 2.04 10.96
N GLY A 96 12.09 1.06 10.06
CA GLY A 96 12.94 1.01 8.86
C GLY A 96 12.35 1.82 7.71
N CYS A 97 13.07 1.88 6.59
CA CYS A 97 12.63 2.49 5.33
C CYS A 97 12.76 1.41 4.26
N ALA A 98 11.76 1.20 3.41
CA ALA A 98 11.84 0.18 2.34
C ALA A 98 13.09 0.41 1.46
N GLY A 99 13.53 1.66 1.35
CA GLY A 99 14.72 2.03 0.56
C GLY A 99 15.98 1.34 1.05
N ARG A 100 16.07 1.07 2.35
CA ARG A 100 17.28 0.46 2.97
C ARG A 100 17.48 -0.96 2.40
N GLY A 101 16.44 -1.80 2.38
CA GLY A 101 16.57 -3.16 1.82
C GLY A 101 16.98 -3.13 0.35
N VAL A 102 16.40 -2.19 -0.39
CA VAL A 102 16.61 -2.10 -1.86
C VAL A 102 18.05 -1.67 -2.12
N ILE A 103 18.56 -0.64 -1.43
CA ILE A 103 19.98 -0.19 -1.64
C ILE A 103 20.93 -1.30 -1.18
N THR A 104 20.63 -1.95 -0.06
CA THR A 104 21.46 -3.06 0.47
C THR A 104 21.56 -4.17 -0.57
N ALA A 105 20.43 -4.55 -1.19
CA ALA A 105 20.34 -5.65 -2.17
C ALA A 105 21.17 -5.29 -3.39
N ILE A 106 20.94 -4.08 -3.94
CA ILE A 106 21.61 -3.61 -5.18
C ILE A 106 23.12 -3.58 -4.92
N ASN A 107 23.55 -2.97 -3.83
CA ASN A 107 25.01 -2.81 -3.56
C ASN A 107 25.64 -4.19 -3.42
N PHE A 108 24.99 -5.12 -2.72
CA PHE A 108 25.50 -6.49 -2.48
C PHE A 108 25.63 -7.22 -3.83
N LEU A 109 24.59 -7.17 -4.67
CA LEU A 109 24.57 -7.87 -5.97
C LEU A 109 25.66 -7.32 -6.88
N GLU A 110 25.83 -6.00 -6.93
CA GLU A 110 26.89 -5.35 -7.74
C GLU A 110 28.27 -5.85 -7.31
N GLU A 111 28.55 -5.75 -6.01
CA GLU A 111 29.86 -6.09 -5.41
C GLU A 111 30.16 -7.58 -5.60
N GLU A 112 29.15 -8.45 -5.58
CA GLU A 112 29.31 -9.91 -5.66
C GLU A 112 29.37 -10.36 -7.13
N GLY A 113 29.20 -9.43 -8.08
CA GLY A 113 29.33 -9.69 -9.52
C GLY A 113 28.07 -10.29 -10.10
N ALA A 114 26.92 -10.13 -9.41
CA ALA A 114 25.61 -10.70 -9.78
C ALA A 114 25.08 -10.03 -11.04
N TYR A 115 25.51 -8.80 -11.36
CA TYR A 115 25.13 -8.06 -12.60
C TYR A 115 26.21 -8.21 -13.69
N GLU A 116 27.40 -8.73 -13.36
CA GLU A 116 28.50 -8.97 -14.33
C GLU A 116 28.11 -10.15 -15.24
N ASP A 117 27.26 -11.05 -14.74
CA ASP A 117 26.80 -12.25 -15.51
C ASP A 117 26.06 -11.79 -16.78
N ASP A 118 26.00 -12.69 -17.77
CA ASP A 118 25.39 -12.52 -19.12
C ASP A 118 23.86 -12.40 -19.05
N LEU A 119 23.34 -11.59 -18.14
CA LEU A 119 21.90 -11.30 -18.00
C LEU A 119 21.41 -10.55 -19.25
N ASP A 120 20.21 -10.85 -19.72
CA ASP A 120 19.50 -10.04 -20.74
C ASP A 120 18.62 -9.00 -20.06
N PHE A 121 18.02 -9.35 -18.93
CA PHE A 121 17.05 -8.51 -18.20
C PHE A 121 17.28 -8.59 -16.69
N VAL A 122 17.10 -7.46 -16.03
CA VAL A 122 16.81 -7.40 -14.57
C VAL A 122 15.45 -6.74 -14.43
N PHE A 123 14.58 -7.33 -13.62
CA PHE A 123 13.27 -6.75 -13.25
C PHE A 123 13.25 -6.51 -11.75
N TYR A 124 13.12 -5.25 -11.36
CA TYR A 124 12.78 -4.87 -9.97
C TYR A 124 11.26 -4.91 -9.87
N ASP A 125 10.76 -5.72 -8.94
CA ASP A 125 9.30 -5.84 -8.66
C ASP A 125 9.01 -4.91 -7.50
N VAL A 126 8.43 -3.74 -7.78
CA VAL A 126 8.35 -2.64 -6.77
C VAL A 126 6.89 -2.34 -6.46
N LEU A 127 6.59 -2.19 -5.17
CA LEU A 127 5.26 -1.74 -4.71
C LEU A 127 5.04 -0.27 -5.09
N GLY A 128 3.84 0.06 -5.57
CA GLY A 128 3.43 1.42 -5.96
C GLY A 128 2.29 1.98 -5.12
N ASP A 129 2.01 1.42 -3.94
CA ASP A 129 0.98 1.91 -3.00
C ASP A 129 1.38 3.30 -2.47
N VAL A 130 2.67 3.51 -2.28
CA VAL A 130 3.25 4.78 -1.75
C VAL A 130 4.39 5.17 -2.69
N VAL A 131 4.26 6.30 -3.38
CA VAL A 131 5.31 6.71 -4.36
C VAL A 131 6.27 7.64 -3.64
N CYS A 132 7.01 7.11 -2.66
CA CYS A 132 7.98 7.85 -1.82
C CYS A 132 9.40 7.62 -2.37
N GLY A 133 10.36 8.35 -1.82
CA GLY A 133 11.79 8.19 -2.14
C GLY A 133 12.28 6.79 -1.85
N GLY A 134 11.73 6.13 -0.81
CA GLY A 134 12.10 4.74 -0.47
C GLY A 134 11.87 3.79 -1.64
N PHE A 135 10.66 3.77 -2.18
CA PHE A 135 10.28 2.87 -3.29
C PHE A 135 10.85 3.34 -4.64
N ALA A 136 11.37 4.56 -4.70
CA ALA A 136 12.05 5.10 -5.90
C ALA A 136 13.51 4.65 -5.99
N MET A 137 14.04 3.90 -5.02
CA MET A 137 15.50 3.62 -4.93
C MET A 137 16.04 2.97 -6.20
N PRO A 138 15.36 2.02 -6.87
CA PRO A 138 15.93 1.42 -8.09
C PRO A 138 16.23 2.50 -9.13
N ILE A 139 15.36 3.51 -9.22
CA ILE A 139 15.47 4.65 -10.19
C ILE A 139 16.62 5.56 -9.76
N ARG A 140 16.71 5.83 -8.46
CA ARG A 140 17.69 6.78 -7.87
C ARG A 140 19.11 6.25 -8.02
N GLU A 141 19.31 4.94 -7.87
CA GLU A 141 20.64 4.27 -7.96
C GLU A 141 21.02 4.01 -9.43
N ASN A 142 20.30 4.66 -10.36
CA ASN A 142 20.38 4.50 -11.84
C ASN A 142 20.51 3.01 -12.20
N LYS A 143 19.58 2.19 -11.68
CA LYS A 143 19.60 0.71 -11.81
C LYS A 143 18.37 0.19 -12.56
N ALA A 144 17.35 1.03 -12.79
CA ALA A 144 16.16 0.72 -13.61
C ALA A 144 15.94 1.89 -14.57
N GLN A 145 15.94 1.60 -15.88
CA GLN A 145 15.76 2.57 -16.99
C GLN A 145 14.36 2.43 -17.59
N GLU A 146 13.83 1.20 -17.70
CA GLU A 146 12.53 0.96 -18.39
C GLU A 146 11.48 0.62 -17.35
N ILE A 147 10.51 1.50 -17.14
CA ILE A 147 9.42 1.26 -16.15
C ILE A 147 8.17 0.76 -16.87
N TYR A 148 7.58 -0.33 -16.36
CA TYR A 148 6.25 -0.80 -16.81
C TYR A 148 5.34 -0.72 -15.59
N ILE A 149 4.15 -0.16 -15.78
CA ILE A 149 3.15 0.02 -14.69
C ILE A 149 2.03 -0.99 -14.88
N VAL A 150 1.83 -1.84 -13.89
CA VAL A 150 0.66 -2.75 -13.83
C VAL A 150 -0.50 -1.96 -13.22
N CYS A 151 -1.65 -1.96 -13.90
CA CYS A 151 -2.85 -1.30 -13.37
C CYS A 151 -4.05 -2.13 -13.78
N SER A 152 -5.24 -1.62 -13.50
CA SER A 152 -6.53 -2.26 -13.83
C SER A 152 -7.56 -1.16 -13.97
N GLY A 153 -8.73 -1.47 -14.49
CA GLY A 153 -9.87 -0.54 -14.61
C GLY A 153 -10.55 -0.33 -13.28
N GLU A 154 -9.77 0.03 -12.26
CA GLU A 154 -10.24 0.39 -10.90
C GLU A 154 -9.62 1.75 -10.56
N MET A 155 -10.39 2.64 -9.91
CA MET A 155 -9.98 4.03 -9.58
C MET A 155 -8.57 4.05 -8.97
N MET A 156 -8.34 3.29 -7.90
CA MET A 156 -7.07 3.38 -7.13
C MET A 156 -5.90 2.82 -7.94
N ALA A 157 -6.10 1.82 -8.80
CA ALA A 157 -5.03 1.29 -9.68
C ALA A 157 -4.61 2.36 -10.69
N MET A 158 -5.56 3.13 -11.21
CA MET A 158 -5.28 4.17 -12.21
C MET A 158 -4.65 5.40 -11.52
N TYR A 159 -5.17 5.78 -10.36
CA TYR A 159 -4.54 6.79 -9.47
C TYR A 159 -3.07 6.44 -9.18
N ALA A 160 -2.77 5.18 -8.84
CA ALA A 160 -1.37 4.74 -8.57
C ALA A 160 -0.54 4.87 -9.84
N ALA A 161 -1.08 4.50 -11.01
CA ALA A 161 -0.35 4.62 -12.29
C ALA A 161 0.03 6.10 -12.51
N ASN A 162 -0.91 6.99 -12.24
CA ASN A 162 -0.70 8.46 -12.39
C ASN A 162 0.39 8.92 -11.42
N ASN A 163 0.33 8.49 -10.17
CA ASN A 163 1.31 8.85 -9.11
C ASN A 163 2.71 8.33 -9.47
N ILE A 164 2.81 7.08 -9.93
CA ILE A 164 4.11 6.48 -10.34
C ILE A 164 4.66 7.35 -11.50
N SER A 165 3.80 7.72 -12.43
CA SER A 165 4.19 8.58 -13.58
C SER A 165 4.77 9.90 -13.07
N LYS A 166 4.17 10.50 -12.04
CA LYS A 166 4.71 11.76 -11.47
C LYS A 166 6.13 11.53 -10.92
N GLY A 167 6.37 10.38 -10.27
CA GLY A 167 7.72 10.02 -9.78
C GLY A 167 8.72 9.94 -10.92
N ILE A 168 8.31 9.35 -12.04
CA ILE A 168 9.20 9.16 -13.22
C ILE A 168 9.60 10.55 -13.72
N VAL A 169 8.65 11.47 -13.84
CA VAL A 169 8.90 12.86 -14.32
C VAL A 169 9.98 13.52 -13.43
N LYS A 170 9.96 13.29 -12.12
CA LYS A 170 10.94 13.92 -11.19
C LYS A 170 12.38 13.58 -11.61
N TYR A 171 12.64 12.37 -12.13
CA TYR A 171 14.00 11.89 -12.43
C TYR A 171 14.33 12.00 -13.92
N ALA A 172 13.39 12.43 -14.77
CA ALA A 172 13.46 12.29 -16.24
C ALA A 172 14.58 13.15 -16.84
N ASN A 173 15.02 14.20 -16.13
CA ASN A 173 16.11 15.08 -16.63
C ASN A 173 17.45 14.70 -15.97
N SER A 174 17.47 13.66 -15.12
CA SER A 174 18.66 13.22 -14.34
C SER A 174 19.27 11.95 -14.91
N GLY A 175 18.53 11.22 -15.73
CA GLY A 175 18.98 9.93 -16.27
C GLY A 175 18.01 9.41 -17.30
N SER A 176 18.12 8.14 -17.67
CA SER A 176 17.38 7.54 -18.81
C SER A 176 16.16 6.77 -18.31
N VAL A 177 15.62 7.15 -17.14
CA VAL A 177 14.42 6.46 -16.58
C VAL A 177 13.19 6.93 -17.36
N ARG A 178 12.49 5.98 -18.00
CA ARG A 178 11.38 6.30 -18.92
C ARG A 178 10.27 5.27 -18.74
N LEU A 179 9.04 5.68 -19.00
CA LEU A 179 7.87 4.79 -18.96
C LEU A 179 7.78 4.05 -20.31
N GLY A 180 7.73 2.71 -20.28
CA GLY A 180 7.62 1.84 -21.46
C GLY A 180 6.20 1.43 -21.76
N GLY A 181 5.30 1.47 -20.78
CA GLY A 181 3.89 1.15 -21.03
C GLY A 181 3.11 0.78 -19.78
N LEU A 182 1.79 0.74 -19.94
CA LEU A 182 0.85 0.21 -18.95
C LEU A 182 0.58 -1.25 -19.30
N ILE A 183 0.57 -2.12 -18.28
CA ILE A 183 0.08 -3.51 -18.39
C ILE A 183 -1.25 -3.57 -17.65
N CYS A 184 -2.35 -3.85 -18.35
CA CYS A 184 -3.67 -3.98 -17.71
C CYS A 184 -3.85 -5.40 -17.18
N ASN A 185 -3.88 -5.58 -15.86
CA ASN A 185 -4.30 -6.84 -15.21
C ASN A 185 -5.82 -6.79 -15.10
N SER A 186 -6.52 -7.45 -16.02
CA SER A 186 -8.00 -7.45 -16.09
C SER A 186 -8.63 -7.80 -14.74
N ARG A 187 -9.63 -7.02 -14.33
CA ARG A 187 -10.53 -7.35 -13.19
C ARG A 187 -11.95 -7.57 -13.73
N ASN A 188 -12.09 -7.81 -15.04
CA ASN A 188 -13.38 -8.07 -15.74
C ASN A 188 -14.34 -6.88 -15.56
N THR A 189 -13.81 -5.65 -15.57
CA THR A 189 -14.59 -4.39 -15.70
C THR A 189 -15.09 -4.29 -17.15
N ASP A 190 -16.32 -3.82 -17.36
CA ASP A 190 -16.86 -3.55 -18.72
C ASP A 190 -15.92 -2.53 -19.38
N ARG A 191 -15.43 -2.82 -20.59
CA ARG A 191 -14.66 -1.89 -21.46
C ARG A 191 -13.29 -1.59 -20.81
N GLU A 192 -12.77 -2.52 -20.01
CA GLU A 192 -11.54 -2.30 -19.21
C GLU A 192 -10.34 -2.01 -20.13
N ASP A 193 -10.22 -2.74 -21.23
CA ASP A 193 -9.16 -2.58 -22.26
C ASP A 193 -9.20 -1.13 -22.79
N GLU A 194 -10.38 -0.64 -23.18
CA GLU A 194 -10.57 0.74 -23.69
C GLU A 194 -10.20 1.78 -22.63
N LEU A 195 -10.57 1.55 -21.37
CA LEU A 195 -10.30 2.51 -20.27
C LEU A 195 -8.78 2.69 -20.13
N ILE A 196 -8.01 1.60 -20.14
CA ILE A 196 -6.54 1.66 -19.90
C ILE A 196 -5.83 2.14 -21.17
N ILE A 197 -6.36 1.84 -22.36
CA ILE A 197 -5.84 2.44 -23.62
C ILE A 197 -6.00 3.96 -23.54
N ALA A 198 -7.18 4.43 -23.10
CA ALA A 198 -7.49 5.87 -22.97
C ALA A 198 -6.55 6.51 -21.95
N LEU A 199 -6.32 5.85 -20.81
CA LEU A 199 -5.39 6.36 -19.76
C LEU A 199 -3.96 6.42 -20.31
N ALA A 200 -3.49 5.36 -20.96
CA ALA A 200 -2.13 5.31 -21.54
C ALA A 200 -1.96 6.49 -22.50
N ASN A 201 -2.98 6.76 -23.32
CA ASN A 201 -2.89 7.84 -24.34
C ASN A 201 -2.80 9.19 -23.64
N LYS A 202 -3.53 9.38 -22.55
CA LYS A 202 -3.49 10.66 -21.79
C LYS A 202 -2.07 10.84 -21.19
N LEU A 203 -1.45 9.75 -20.74
CA LEU A 203 -0.11 9.77 -20.09
C LEU A 203 1.00 9.89 -21.14
N GLY A 204 0.68 9.66 -22.42
CA GLY A 204 1.63 9.71 -23.54
C GLY A 204 2.37 8.39 -23.74
N THR A 205 1.79 7.28 -23.28
CA THR A 205 2.40 5.94 -23.40
C THR A 205 1.40 5.06 -24.17
N GLN A 206 1.51 3.75 -23.97
CA GLN A 206 0.67 2.71 -24.62
C GLN A 206 0.21 1.75 -23.53
N MET A 207 -0.92 1.07 -23.77
CA MET A 207 -1.24 -0.19 -23.06
C MET A 207 -0.50 -1.29 -23.79
N ILE A 208 0.64 -1.72 -23.24
CA ILE A 208 1.55 -2.64 -23.98
C ILE A 208 0.89 -4.01 -24.07
N HIS A 209 0.09 -4.41 -23.07
CA HIS A 209 -0.68 -5.67 -23.13
C HIS A 209 -1.85 -5.65 -22.16
N PHE A 210 -2.93 -6.31 -22.56
CA PHE A 210 -4.10 -6.62 -21.71
C PHE A 210 -3.99 -8.08 -21.25
N VAL A 211 -3.75 -8.28 -19.95
CA VAL A 211 -3.67 -9.64 -19.33
C VAL A 211 -5.07 -10.03 -18.90
N PRO A 212 -5.69 -11.05 -19.53
CA PRO A 212 -7.05 -11.45 -19.18
C PRO A 212 -7.11 -12.08 -17.79
N ARG A 213 -8.31 -12.04 -17.18
CA ARG A 213 -8.68 -12.85 -16.00
C ARG A 213 -8.83 -14.29 -16.51
N ASP A 214 -8.06 -15.22 -15.95
CA ASP A 214 -8.14 -16.67 -16.26
C ASP A 214 -7.81 -17.43 -14.98
N ASN A 215 -8.68 -18.35 -14.58
CA ASN A 215 -8.54 -19.09 -13.29
C ASN A 215 -7.26 -19.92 -13.30
N VAL A 216 -6.69 -20.27 -14.46
CA VAL A 216 -5.44 -21.07 -14.56
C VAL A 216 -4.32 -20.31 -13.84
N VAL A 217 -4.37 -18.97 -13.85
CA VAL A 217 -3.40 -18.10 -13.13
C VAL A 217 -3.43 -18.49 -11.65
N GLN A 218 -4.65 -18.55 -11.07
CA GLN A 218 -4.85 -18.80 -9.63
C GLN A 218 -4.52 -20.26 -9.33
N ARG A 219 -4.87 -21.19 -10.23
CA ARG A 219 -4.56 -22.62 -10.05
C ARG A 219 -3.05 -22.81 -10.00
N ALA A 220 -2.28 -22.14 -10.86
CA ALA A 220 -0.80 -22.18 -10.83
C ALA A 220 -0.29 -21.53 -9.55
N GLU A 221 -0.83 -20.36 -9.20
CA GLU A 221 -0.34 -19.51 -8.08
C GLU A 221 -0.47 -20.27 -6.75
N ILE A 222 -1.56 -21.01 -6.55
CA ILE A 222 -1.83 -21.77 -5.28
C ILE A 222 -0.78 -22.88 -5.15
N ARG A 223 -0.27 -23.37 -6.28
CA ARG A 223 0.80 -24.40 -6.35
C ARG A 223 2.19 -23.75 -6.51
N ARG A 224 2.27 -22.42 -6.33
CA ARG A 224 3.54 -21.67 -6.25
C ARG A 224 4.25 -21.77 -7.60
N MET A 225 3.51 -21.62 -8.71
CA MET A 225 4.06 -21.69 -10.07
C MET A 225 3.47 -20.56 -10.93
N THR A 226 4.19 -20.23 -11.99
CA THR A 226 3.69 -19.45 -13.15
C THR A 226 2.85 -20.37 -14.02
N VAL A 227 1.96 -19.79 -14.83
CA VAL A 227 1.17 -20.50 -15.87
C VAL A 227 2.14 -21.10 -16.88
N ILE A 228 3.21 -20.36 -17.21
CA ILE A 228 4.23 -20.81 -18.20
C ILE A 228 4.76 -22.19 -17.79
N GLU A 229 5.06 -22.39 -16.50
CA GLU A 229 5.57 -23.70 -16.02
C GLU A 229 4.40 -24.67 -15.77
N TYR A 230 3.31 -24.22 -15.15
CA TYR A 230 2.19 -25.08 -14.67
C TYR A 230 1.44 -25.70 -15.85
N ASP A 231 1.13 -24.88 -16.86
CA ASP A 231 0.33 -25.29 -18.05
C ASP A 231 0.81 -24.51 -19.28
N PRO A 232 1.95 -24.89 -19.89
CA PRO A 232 2.50 -24.16 -21.04
C PRO A 232 1.63 -24.19 -22.31
N LYS A 233 0.64 -25.09 -22.39
CA LYS A 233 -0.31 -25.17 -23.54
C LYS A 233 -1.50 -24.21 -23.33
N ALA A 234 -1.66 -23.59 -22.16
CA ALA A 234 -2.80 -22.72 -21.83
C ALA A 234 -2.83 -21.48 -22.73
N LYS A 235 -4.05 -21.03 -23.07
CA LYS A 235 -4.35 -19.73 -23.71
C LYS A 235 -3.63 -18.60 -22.94
N GLN A 236 -3.74 -18.64 -21.60
CA GLN A 236 -3.15 -17.59 -20.73
C GLN A 236 -1.62 -17.58 -20.86
N ALA A 237 -1.00 -18.74 -21.11
CA ALA A 237 0.47 -18.83 -21.25
C ALA A 237 0.88 -18.04 -22.52
N ASP A 238 0.07 -18.14 -23.58
CA ASP A 238 0.30 -17.35 -24.83
C ASP A 238 0.14 -15.85 -24.55
N GLU A 239 -0.76 -15.45 -23.65
CA GLU A 239 -0.95 -14.04 -23.25
C GLU A 239 0.36 -13.51 -22.67
N TYR A 240 1.01 -14.26 -21.77
CA TYR A 240 2.28 -13.82 -21.14
C TYR A 240 3.39 -13.85 -22.19
N ARG A 241 3.33 -14.79 -23.14
CA ARG A 241 4.32 -14.86 -24.23
C ARG A 241 4.20 -13.60 -25.10
N ALA A 242 2.97 -13.15 -25.37
CA ALA A 242 2.68 -11.95 -26.19
C ALA A 242 3.24 -10.71 -25.47
N LEU A 243 2.96 -10.57 -24.18
CA LEU A 243 3.49 -9.46 -23.34
C LEU A 243 5.03 -9.49 -23.40
N ALA A 244 5.64 -10.66 -23.20
CA ALA A 244 7.10 -10.83 -23.16
C ALA A 244 7.70 -10.37 -24.49
N ARG A 245 7.13 -10.82 -25.61
CA ARG A 245 7.65 -10.46 -26.96
C ARG A 245 7.52 -8.94 -27.17
N LYS A 246 6.43 -8.32 -26.70
CA LYS A 246 6.22 -6.85 -26.88
C LYS A 246 7.19 -6.05 -26.01
N VAL A 247 7.53 -6.54 -24.81
CA VAL A 247 8.54 -5.87 -23.95
C VAL A 247 9.91 -5.97 -24.65
N VAL A 248 10.26 -7.17 -25.13
CA VAL A 248 11.56 -7.40 -25.85
C VAL A 248 11.67 -6.38 -27.01
N ASP A 249 10.58 -6.20 -27.77
CA ASP A 249 10.62 -5.42 -29.04
C ASP A 249 10.29 -3.95 -28.79
N ASN A 250 9.95 -3.57 -27.57
CA ASN A 250 9.43 -2.21 -27.26
C ASN A 250 10.49 -1.13 -27.57
N LYS A 251 10.09 -0.10 -28.31
CA LYS A 251 10.93 1.09 -28.57
C LYS A 251 10.28 2.34 -27.98
N LEU A 252 9.05 2.24 -27.47
CA LEU A 252 8.32 3.44 -26.99
C LEU A 252 8.67 3.67 -25.52
N LEU A 253 9.62 4.57 -25.27
CA LEU A 253 10.05 4.92 -23.90
C LEU A 253 9.89 6.43 -23.76
N VAL A 254 9.02 6.87 -22.85
CA VAL A 254 8.55 8.29 -22.82
C VAL A 254 8.74 8.88 -21.43
N ILE A 255 8.83 10.21 -21.39
CA ILE A 255 8.54 11.01 -20.18
C ILE A 255 7.03 11.16 -20.15
N PRO A 256 6.34 10.54 -19.16
CA PRO A 256 4.88 10.56 -19.17
C PRO A 256 4.34 11.95 -18.83
N ASN A 257 3.07 12.16 -19.13
CA ASN A 257 2.32 13.42 -18.88
C ASN A 257 1.23 13.13 -17.84
N PRO A 258 1.54 13.19 -16.53
CA PRO A 258 0.55 12.93 -15.50
C PRO A 258 -0.69 13.82 -15.65
N ILE A 259 -1.86 13.28 -15.32
CA ILE A 259 -3.15 14.00 -15.43
C ILE A 259 -3.60 14.53 -14.07
N THR A 260 -4.53 15.49 -14.07
CA THR A 260 -5.18 16.07 -12.87
C THR A 260 -6.26 15.10 -12.39
N MET A 261 -6.73 15.26 -11.16
CA MET A 261 -7.81 14.40 -10.60
C MET A 261 -9.07 14.61 -11.45
N ASP A 262 -9.30 15.83 -11.91
CA ASP A 262 -10.49 16.21 -12.72
C ASP A 262 -10.46 15.44 -14.05
N GLU A 263 -9.29 15.41 -14.70
CA GLU A 263 -9.06 14.58 -15.92
C GLU A 263 -9.34 13.11 -15.60
N LEU A 264 -8.79 12.58 -14.49
CA LEU A 264 -8.97 11.17 -14.10
C LEU A 264 -10.46 10.87 -13.88
N GLU A 265 -11.16 11.73 -13.15
CA GLU A 265 -12.61 11.57 -12.84
C GLU A 265 -13.43 11.59 -14.13
N GLU A 266 -13.11 12.51 -15.04
CA GLU A 266 -13.77 12.62 -16.36
C GLU A 266 -13.72 11.27 -17.07
N LEU A 267 -12.53 10.66 -17.14
CA LEU A 267 -12.31 9.31 -17.72
C LEU A 267 -13.25 8.30 -17.06
N LEU A 268 -13.21 8.20 -15.73
CA LEU A 268 -13.95 7.17 -14.95
C LEU A 268 -15.45 7.29 -15.24
N MET A 269 -15.97 8.51 -15.34
CA MET A 269 -17.41 8.77 -15.56
C MET A 269 -17.75 8.57 -17.04
N GLU A 270 -16.82 8.84 -17.95
CA GLU A 270 -17.01 8.58 -19.41
C GLU A 270 -17.17 7.07 -19.63
N PHE A 271 -16.61 6.24 -18.74
CA PHE A 271 -16.79 4.77 -18.72
C PHE A 271 -17.77 4.42 -17.58
C ALA B 1 -8.42 13.54 27.78
N MET B 2 -7.71 14.26 26.92
CA MET B 2 -7.69 14.06 25.44
C MET B 2 -7.11 12.68 25.13
N ARG B 3 -7.84 11.86 24.39
CA ARG B 3 -7.36 10.51 23.99
C ARG B 3 -6.76 10.60 22.59
N GLN B 4 -5.49 10.24 22.48
CA GLN B 4 -4.69 10.34 21.23
C GLN B 4 -4.68 8.95 20.59
N CYS B 5 -5.41 8.79 19.49
CA CYS B 5 -5.67 7.48 18.86
C CYS B 5 -5.19 7.48 17.41
N ALA B 6 -4.92 6.31 16.87
CA ALA B 6 -4.66 6.16 15.43
C ALA B 6 -5.37 4.89 14.94
N ILE B 7 -5.87 4.97 13.72
CA ILE B 7 -6.41 3.81 12.95
C ILE B 7 -5.37 3.47 11.89
N TYR B 8 -4.83 2.25 11.96
CA TYR B 8 -3.93 1.66 10.94
C TYR B 8 -4.67 0.51 10.25
N GLY B 9 -4.30 0.26 9.01
CA GLY B 9 -4.82 -0.89 8.26
C GLY B 9 -4.38 -0.80 6.83
N LYS B 10 -4.37 -1.93 6.13
CA LYS B 10 -3.96 -1.93 4.70
C LYS B 10 -5.02 -1.17 3.90
N GLY B 11 -4.66 -0.77 2.69
CA GLY B 11 -5.58 -0.06 1.78
C GLY B 11 -6.59 -1.02 1.18
N GLY B 12 -7.63 -0.46 0.59
CA GLY B 12 -8.59 -1.21 -0.25
C GLY B 12 -9.55 -2.06 0.55
N ILE B 13 -9.67 -1.86 1.87
CA ILE B 13 -10.63 -2.66 2.70
C ILE B 13 -11.61 -1.74 3.44
N GLY B 14 -11.66 -0.46 3.11
CA GLY B 14 -12.61 0.50 3.72
C GLY B 14 -12.15 1.05 5.05
N LYS B 15 -10.85 1.05 5.35
CA LYS B 15 -10.34 1.59 6.65
C LYS B 15 -10.82 3.03 6.85
N SER B 16 -10.61 3.93 5.88
CA SER B 16 -10.91 5.38 6.05
C SER B 16 -12.42 5.57 6.17
N THR B 17 -13.21 4.75 5.47
CA THR B 17 -14.68 4.77 5.54
C THR B 17 -15.10 4.45 6.98
N THR B 18 -14.56 3.36 7.55
CA THR B 18 -14.83 2.96 8.96
C THR B 18 -14.38 4.08 9.90
N THR B 19 -13.17 4.63 9.71
CA THR B 19 -12.64 5.70 10.59
C THR B 19 -13.64 6.86 10.64
N GLN B 20 -14.10 7.33 9.47
CA GLN B 20 -14.96 8.52 9.38
C GLN B 20 -16.33 8.22 9.98
N ASN B 21 -16.86 7.02 9.75
CA ASN B 21 -18.19 6.60 10.29
C ASN B 21 -18.09 6.44 11.82
N LEU B 22 -16.96 5.91 12.31
CA LEU B 22 -16.65 5.88 13.76
C LEU B 22 -16.64 7.31 14.30
N VAL B 23 -15.91 8.22 13.66
CA VAL B 23 -15.72 9.61 14.18
C VAL B 23 -17.07 10.33 14.15
N ALA B 24 -17.88 10.12 13.10
CA ALA B 24 -19.24 10.68 12.97
C ALA B 24 -20.10 10.20 14.15
N ALA B 25 -20.03 8.90 14.47
CA ALA B 25 -20.77 8.27 15.59
C ALA B 25 -20.33 8.88 16.92
N LEU B 26 -19.05 9.21 17.07
CA LEU B 26 -18.49 9.83 18.30
C LEU B 26 -19.02 11.26 18.44
N ALA B 27 -19.05 12.02 17.34
CA ALA B 27 -19.54 13.42 17.29
C ALA B 27 -21.03 13.45 17.62
N GLU B 28 -21.76 12.42 17.19
CA GLU B 28 -23.22 12.26 17.42
C GLU B 28 -23.50 12.10 18.92
N MET B 29 -22.54 11.55 19.68
CA MET B 29 -22.55 11.41 21.16
C MET B 29 -22.04 12.71 21.82
N GLY B 30 -21.74 13.74 21.04
CA GLY B 30 -21.24 15.04 21.53
C GLY B 30 -19.78 14.99 21.93
N LYS B 31 -19.00 14.05 21.39
CA LYS B 31 -17.52 14.03 21.56
C LYS B 31 -16.91 15.04 20.58
N LYS B 32 -15.94 15.83 21.05
CA LYS B 32 -15.16 16.80 20.23
C LYS B 32 -13.97 16.04 19.63
N VAL B 33 -13.96 15.86 18.31
CA VAL B 33 -12.98 14.98 17.60
C VAL B 33 -12.23 15.79 16.55
N MET B 34 -10.91 15.54 16.43
CA MET B 34 -10.06 15.98 15.30
C MET B 34 -9.57 14.73 14.56
N ILE B 35 -9.75 14.70 13.24
CA ILE B 35 -9.11 13.71 12.33
C ILE B 35 -7.89 14.37 11.70
N VAL B 36 -6.74 13.70 11.78
CA VAL B 36 -5.49 14.01 11.03
C VAL B 36 -5.30 12.90 9.99
N GLY B 37 -5.55 13.22 8.72
CA GLY B 37 -5.31 12.34 7.57
C GLY B 37 -3.83 12.08 7.37
N CYS B 38 -3.42 10.82 7.43
CA CYS B 38 -2.03 10.34 7.17
C CYS B 38 -2.05 9.17 6.17
N ASP B 39 -2.88 9.21 5.12
CA ASP B 39 -3.04 8.06 4.18
C ASP B 39 -3.06 8.56 2.73
N PRO B 40 -1.96 8.43 1.96
CA PRO B 40 -1.95 8.91 0.57
C PRO B 40 -2.87 8.12 -0.38
N LYS B 41 -3.51 7.03 0.07
CA LYS B 41 -4.42 6.19 -0.78
C LYS B 41 -5.90 6.37 -0.40
N ALA B 42 -6.23 7.28 0.52
CA ALA B 42 -7.63 7.56 0.93
C ALA B 42 -7.83 9.06 1.16
N ASP B 43 -9.06 9.52 1.04
CA ASP B 43 -9.47 10.88 1.49
C ASP B 43 -10.02 10.72 2.91
N SER B 44 -9.20 11.00 3.92
CA SER B 44 -9.48 10.75 5.36
C SER B 44 -10.57 11.66 5.92
N THR B 45 -10.92 12.76 5.23
CA THR B 45 -11.86 13.80 5.77
C THR B 45 -13.06 14.04 4.83
N ARG B 46 -13.13 13.34 3.70
CA ARG B 46 -14.13 13.55 2.61
C ARG B 46 -15.57 13.41 3.15
N LEU B 47 -15.81 12.37 3.94
CA LEU B 47 -17.18 11.99 4.40
C LEU B 47 -17.62 12.90 5.56
N ILE B 48 -16.67 13.56 6.23
CA ILE B 48 -16.97 14.51 7.35
C ILE B 48 -17.20 15.92 6.77
N LEU B 49 -16.28 16.40 5.93
CA LEU B 49 -16.26 17.79 5.39
C LEU B 49 -17.25 17.90 4.22
N HIS B 50 -17.59 16.79 3.57
CA HIS B 50 -18.37 16.74 2.31
C HIS B 50 -17.53 17.31 1.14
N SER B 51 -16.21 17.17 1.21
CA SER B 51 -15.22 17.74 0.25
C SER B 51 -14.50 16.60 -0.49
N LYS B 52 -14.36 16.72 -1.81
CA LYS B 52 -13.79 15.67 -2.71
C LYS B 52 -12.30 15.43 -2.39
N ALA B 53 -11.59 16.45 -1.87
CA ALA B 53 -10.17 16.33 -1.46
C ALA B 53 -9.74 17.62 -0.74
N GLN B 54 -9.73 17.58 0.59
CA GLN B 54 -9.31 18.72 1.45
C GLN B 54 -7.88 19.13 1.07
N ASN B 55 -7.61 20.43 0.96
CA ASN B 55 -6.25 20.96 0.72
C ASN B 55 -5.34 20.50 1.88
N THR B 56 -4.16 19.98 1.56
CA THR B 56 -3.25 19.35 2.56
C THR B 56 -2.26 20.38 3.09
N ILE B 57 -1.70 20.14 4.28
CA ILE B 57 -0.69 21.02 4.91
C ILE B 57 0.53 21.14 3.99
N MET B 58 0.98 20.04 3.38
CA MET B 58 2.16 20.06 2.46
C MET B 58 1.84 20.92 1.23
N GLU B 59 0.65 20.74 0.64
CA GLU B 59 0.18 21.48 -0.56
C GLU B 59 0.22 22.99 -0.33
N MET B 60 -0.31 23.43 0.81
CA MET B 60 -0.58 24.86 1.08
C MET B 60 0.65 25.54 1.70
N ALA B 61 1.59 24.76 2.24
CA ALA B 61 2.96 25.24 2.59
C ALA B 61 3.74 25.49 1.30
N ALA B 62 3.52 24.66 0.26
CA ALA B 62 4.11 24.82 -1.09
C ALA B 62 3.49 26.04 -1.78
N GLU B 63 2.16 26.16 -1.77
CA GLU B 63 1.41 27.23 -2.49
C GLU B 63 1.74 28.60 -1.91
N ALA B 64 1.78 28.74 -0.58
CA ALA B 64 2.17 29.96 0.16
C ALA B 64 3.70 30.09 0.20
N GLY B 65 4.41 28.96 0.09
CA GLY B 65 5.89 28.92 -0.05
C GLY B 65 6.60 28.58 1.25
N THR B 66 5.90 28.68 2.39
CA THR B 66 6.41 28.32 3.74
C THR B 66 5.24 28.00 4.68
N VAL B 67 5.54 27.38 5.83
CA VAL B 67 4.54 26.77 6.76
C VAL B 67 4.19 27.77 7.89
N GLU B 68 5.07 28.71 8.22
CA GLU B 68 4.81 29.75 9.27
C GLU B 68 3.84 30.80 8.72
N ASP B 69 3.70 30.90 7.39
CA ASP B 69 2.78 31.85 6.73
C ASP B 69 1.35 31.30 6.76
N LEU B 70 1.21 29.96 6.78
CA LEU B 70 -0.11 29.26 6.83
C LEU B 70 -0.88 29.72 8.07
N GLU B 71 -2.19 29.93 7.91
CA GLU B 71 -3.15 30.19 9.02
C GLU B 71 -3.88 28.89 9.31
N LEU B 72 -4.26 28.67 10.58
CA LEU B 72 -4.91 27.42 11.04
C LEU B 72 -6.20 27.19 10.22
N GLU B 73 -6.92 28.27 9.92
CA GLU B 73 -8.21 28.28 9.18
C GLU B 73 -8.06 27.58 7.82
N ASP B 74 -6.89 27.67 7.19
CA ASP B 74 -6.61 27.11 5.83
C ASP B 74 -6.48 25.58 5.92
N VAL B 75 -5.98 25.09 7.05
CA VAL B 75 -5.45 23.72 7.28
C VAL B 75 -6.50 22.88 8.00
N LEU B 76 -7.13 23.46 9.03
CA LEU B 76 -8.10 22.79 9.94
C LEU B 76 -9.51 23.28 9.60
N LYS B 77 -10.36 22.37 9.10
CA LYS B 77 -11.76 22.64 8.68
C LYS B 77 -12.73 21.85 9.56
N ALA B 78 -13.84 22.47 9.97
CA ALA B 78 -14.91 21.80 10.74
C ALA B 78 -15.94 21.21 9.76
N GLY B 79 -16.40 19.98 10.01
CA GLY B 79 -17.44 19.30 9.21
C GLY B 79 -18.60 18.85 10.07
N TYR B 80 -19.19 17.69 9.74
CA TYR B 80 -20.30 17.06 10.49
C TYR B 80 -19.97 17.03 11.99
N GLY B 81 -20.91 17.48 12.82
CA GLY B 81 -20.83 17.41 14.29
C GLY B 81 -19.65 18.20 14.86
N GLY B 82 -19.18 19.22 14.13
CA GLY B 82 -18.06 20.09 14.55
C GLY B 82 -16.73 19.35 14.54
N VAL B 83 -16.66 18.18 13.90
CA VAL B 83 -15.40 17.38 13.80
C VAL B 83 -14.39 18.21 13.01
N LYS B 84 -13.19 18.39 13.58
CA LYS B 84 -12.08 19.19 12.99
C LYS B 84 -11.23 18.26 12.12
N CYS B 85 -10.95 18.67 10.89
CA CYS B 85 -10.36 17.83 9.83
C CYS B 85 -9.09 18.49 9.29
N VAL B 86 -7.99 17.75 9.23
CA VAL B 86 -6.74 18.21 8.54
C VAL B 86 -6.13 17.03 7.79
N GLU B 87 -5.52 17.32 6.64
CA GLU B 87 -4.82 16.33 5.79
C GLU B 87 -3.33 16.70 5.79
N SER B 88 -2.45 15.75 6.16
CA SER B 88 -0.99 15.98 6.20
C SER B 88 -0.48 16.30 4.79
N GLY B 89 -0.90 15.49 3.82
CA GLY B 89 -0.35 15.52 2.45
C GLY B 89 0.70 14.45 2.28
N GLY B 90 0.53 13.63 1.23
CA GLY B 90 1.33 12.41 0.97
C GLY B 90 2.74 12.83 0.59
N PRO B 91 3.64 11.88 0.26
CA PRO B 91 5.01 12.26 -0.08
C PRO B 91 5.04 12.89 -1.47
N GLU B 92 5.92 13.87 -1.65
CA GLU B 92 6.32 14.37 -2.99
C GLU B 92 6.66 13.14 -3.84
N PRO B 93 5.93 12.89 -4.96
CA PRO B 93 6.13 11.67 -5.72
C PRO B 93 7.60 11.38 -6.07
N GLY B 94 8.09 10.18 -5.72
CA GLY B 94 9.42 9.69 -6.11
C GLY B 94 10.54 10.22 -5.23
N VAL B 95 10.26 11.20 -4.37
CA VAL B 95 11.33 11.98 -3.67
C VAL B 95 11.04 12.02 -2.16
N GLY B 96 9.80 12.26 -1.76
CA GLY B 96 9.43 12.56 -0.36
C GLY B 96 9.34 11.33 0.53
N CYS B 97 9.10 11.57 1.81
CA CYS B 97 8.82 10.52 2.82
C CYS B 97 7.46 10.89 3.41
N ALA B 98 6.57 9.91 3.60
CA ALA B 98 5.22 10.15 4.19
C ALA B 98 5.38 10.81 5.57
N GLY B 99 6.48 10.55 6.27
CA GLY B 99 6.79 11.10 7.59
C GLY B 99 6.94 12.61 7.60
N ARG B 100 7.46 13.21 6.51
CA ARG B 100 7.66 14.68 6.40
C ARG B 100 6.31 15.39 6.60
N GLY B 101 5.29 14.99 5.84
CA GLY B 101 3.94 15.60 5.92
C GLY B 101 3.40 15.49 7.32
N VAL B 102 3.54 14.31 7.92
CA VAL B 102 2.98 14.05 9.27
C VAL B 102 3.69 14.91 10.33
N ILE B 103 5.03 14.98 10.33
CA ILE B 103 5.81 15.80 11.30
C ILE B 103 5.39 17.26 11.15
N THR B 104 5.28 17.73 9.91
CA THR B 104 4.90 19.14 9.57
C THR B 104 3.53 19.44 10.18
N ALA B 105 2.57 18.55 9.95
CA ALA B 105 1.18 18.68 10.42
C ALA B 105 1.18 18.76 11.96
N ILE B 106 1.89 17.84 12.62
CA ILE B 106 1.86 17.73 14.10
C ILE B 106 2.49 19.00 14.71
N ASN B 107 3.64 19.43 14.19
CA ASN B 107 4.37 20.61 14.71
C ASN B 107 3.53 21.87 14.52
N PHE B 108 2.84 21.98 13.39
CA PHE B 108 1.98 23.14 13.04
C PHE B 108 0.79 23.20 14.01
N LEU B 109 0.11 22.07 14.20
CA LEU B 109 -1.06 21.95 15.11
C LEU B 109 -0.63 22.24 16.55
N GLU B 110 0.52 21.73 16.99
CA GLU B 110 1.05 22.02 18.35
C GLU B 110 1.25 23.53 18.52
N GLU B 111 2.05 24.13 17.63
CA GLU B 111 2.39 25.57 17.65
C GLU B 111 1.10 26.40 17.69
N GLU B 112 0.11 26.06 16.87
CA GLU B 112 -1.11 26.87 16.65
C GLU B 112 -2.16 26.63 17.74
N GLY B 113 -1.94 25.66 18.64
CA GLY B 113 -2.80 25.42 19.83
C GLY B 113 -3.95 24.46 19.54
N ALA B 114 -3.90 23.74 18.42
CA ALA B 114 -4.96 22.82 17.95
C ALA B 114 -5.24 21.71 18.97
N TYR B 115 -4.22 21.28 19.74
CA TYR B 115 -4.30 20.13 20.67
C TYR B 115 -4.82 20.52 22.07
N GLU B 116 -4.95 21.82 22.37
CA GLU B 116 -5.42 22.29 23.69
C GLU B 116 -6.81 22.93 23.56
N ASP B 117 -7.52 22.64 22.47
CA ASP B 117 -8.80 23.29 22.09
C ASP B 117 -9.98 22.36 22.40
N ASP B 118 -10.08 21.89 23.66
CA ASP B 118 -11.27 21.19 24.22
C ASP B 118 -11.55 19.88 23.46
N LEU B 119 -10.51 19.14 23.08
CA LEU B 119 -10.65 17.88 22.30
C LEU B 119 -10.87 16.70 23.26
N ASP B 120 -11.78 15.79 22.87
CA ASP B 120 -12.03 14.49 23.55
C ASP B 120 -11.20 13.39 22.86
N PHE B 121 -11.13 13.41 21.53
CA PHE B 121 -10.36 12.41 20.72
C PHE B 121 -9.61 13.12 19.59
N VAL B 122 -8.39 12.63 19.33
CA VAL B 122 -7.67 12.81 18.03
C VAL B 122 -7.57 11.42 17.41
N PHE B 123 -7.91 11.29 16.12
CA PHE B 123 -7.66 10.08 15.32
C PHE B 123 -6.74 10.42 14.16
N TYR B 124 -5.55 9.83 14.15
CA TYR B 124 -4.66 9.76 12.97
C TYR B 124 -5.18 8.62 12.10
N ASP B 125 -5.51 8.90 10.84
CA ASP B 125 -5.96 7.87 9.87
C ASP B 125 -4.73 7.50 9.04
N VAL B 126 -4.12 6.36 9.31
CA VAL B 126 -2.76 6.06 8.78
C VAL B 126 -2.80 4.83 7.89
N LEU B 127 -2.12 4.91 6.76
CA LEU B 127 -1.97 3.76 5.84
C LEU B 127 -1.06 2.70 6.48
N GLY B 128 -1.47 1.43 6.41
CA GLY B 128 -0.70 0.27 6.90
C GLY B 128 -0.24 -0.68 5.80
N ASP B 129 -0.16 -0.23 4.55
CA ASP B 129 0.39 -1.05 3.42
C ASP B 129 1.90 -1.25 3.59
N VAL B 130 2.60 -0.27 4.15
CA VAL B 130 4.06 -0.30 4.41
C VAL B 130 4.24 0.11 5.87
N VAL B 131 4.78 -0.79 6.68
CA VAL B 131 4.94 -0.55 8.13
C VAL B 131 6.37 -0.04 8.35
N CYS B 132 6.63 1.15 7.83
CA CYS B 132 7.95 1.81 7.88
C CYS B 132 7.98 2.89 8.95
N GLY B 133 9.15 3.47 9.17
CA GLY B 133 9.34 4.60 10.09
C GLY B 133 8.53 5.83 9.68
N GLY B 134 8.33 6.05 8.37
CA GLY B 134 7.55 7.19 7.85
C GLY B 134 6.13 7.18 8.36
N PHE B 135 5.44 6.05 8.25
CA PHE B 135 4.01 5.91 8.65
C PHE B 135 3.88 5.69 10.16
N ALA B 136 4.99 5.51 10.87
CA ALA B 136 5.03 5.39 12.34
C ALA B 136 5.09 6.78 12.98
N MET B 137 5.20 7.86 12.18
CA MET B 137 5.46 9.22 12.71
C MET B 137 4.53 9.62 13.85
N PRO B 138 3.19 9.35 13.81
CA PRO B 138 2.32 9.79 14.91
C PRO B 138 2.69 9.13 16.25
N ILE B 139 3.17 7.89 16.21
CA ILE B 139 3.62 7.13 17.42
C ILE B 139 5.00 7.67 17.82
N ARG B 140 5.90 7.84 16.87
CA ARG B 140 7.28 8.34 17.11
C ARG B 140 7.23 9.71 17.81
N GLU B 141 6.26 10.55 17.46
CA GLU B 141 6.07 11.92 18.01
C GLU B 141 5.34 11.88 19.36
N ASN B 142 5.00 10.68 19.87
CA ASN B 142 4.27 10.49 21.16
C ASN B 142 2.89 11.15 21.06
N LYS B 143 2.28 11.10 19.87
CA LYS B 143 0.99 11.79 19.57
C LYS B 143 -0.17 10.80 19.42
N ALA B 144 0.09 9.49 19.46
CA ALA B 144 -0.94 8.45 19.39
C ALA B 144 -0.55 7.29 20.33
N GLN B 145 -1.34 7.06 21.38
CA GLN B 145 -1.06 6.01 22.41
C GLN B 145 -2.04 4.84 22.24
N GLU B 146 -3.22 5.05 21.64
CA GLU B 146 -4.28 4.01 21.47
C GLU B 146 -4.41 3.66 19.99
N ILE B 147 -3.98 2.48 19.57
CA ILE B 147 -4.04 2.05 18.14
C ILE B 147 -5.21 1.07 17.96
N TYR B 148 -6.04 1.31 16.95
CA TYR B 148 -7.04 0.33 16.46
C TYR B 148 -6.61 -0.06 15.05
N ILE B 149 -6.65 -1.35 14.77
CA ILE B 149 -6.25 -1.89 13.46
C ILE B 149 -7.51 -2.35 12.72
N VAL B 150 -7.75 -1.79 11.54
CA VAL B 150 -8.83 -2.29 10.65
C VAL B 150 -8.25 -3.44 9.83
N CYS B 151 -8.91 -4.59 9.83
CA CYS B 151 -8.51 -5.74 9.02
C CYS B 151 -9.77 -6.39 8.46
N SER B 152 -9.57 -7.51 7.80
CA SER B 152 -10.63 -8.34 7.18
C SER B 152 -10.10 -9.78 7.18
N GLY B 153 -10.98 -10.77 6.98
CA GLY B 153 -10.62 -12.18 6.81
C GLY B 153 -10.01 -12.42 5.44
N GLU B 154 -8.83 -11.83 5.22
CA GLU B 154 -8.05 -11.89 3.96
C GLU B 154 -6.58 -11.89 4.36
N MET B 155 -5.78 -12.71 3.68
CA MET B 155 -4.35 -12.97 4.00
C MET B 155 -3.65 -11.64 4.21
N MET B 156 -3.69 -10.73 3.22
CA MET B 156 -2.87 -9.49 3.27
C MET B 156 -3.35 -8.52 4.35
N ALA B 157 -4.67 -8.45 4.64
CA ALA B 157 -5.21 -7.64 5.74
C ALA B 157 -4.71 -8.16 7.09
N MET B 158 -4.65 -9.48 7.26
CA MET B 158 -4.20 -10.11 8.54
C MET B 158 -2.67 -10.01 8.66
N TYR B 159 -1.95 -10.21 7.57
CA TYR B 159 -0.48 -9.97 7.51
C TYR B 159 -0.18 -8.52 7.94
N ALA B 160 -0.90 -7.54 7.39
CA ALA B 160 -0.74 -6.11 7.75
C ALA B 160 -1.02 -5.93 9.25
N ALA B 161 -2.09 -6.51 9.77
CA ALA B 161 -2.44 -6.38 11.20
C ALA B 161 -1.28 -6.90 12.06
N ASN B 162 -0.70 -8.04 11.66
CA ASN B 162 0.42 -8.66 12.41
C ASN B 162 1.64 -7.72 12.35
N ASN B 163 1.94 -7.15 11.19
CA ASN B 163 3.15 -6.31 10.99
C ASN B 163 2.97 -4.98 11.73
N ILE B 164 1.78 -4.40 11.71
CA ILE B 164 1.45 -3.18 12.51
C ILE B 164 1.69 -3.48 13.99
N SER B 165 1.28 -4.66 14.46
CA SER B 165 1.49 -5.08 15.87
C SER B 165 2.98 -5.13 16.22
N LYS B 166 3.81 -5.61 15.30
CA LYS B 166 5.29 -5.66 15.49
C LYS B 166 5.82 -4.24 15.72
N GLY B 167 5.33 -3.27 14.94
CA GLY B 167 5.69 -1.84 15.10
C GLY B 167 5.28 -1.31 16.46
N ILE B 168 4.05 -1.60 16.90
CA ILE B 168 3.53 -1.17 18.23
C ILE B 168 4.47 -1.68 19.33
N VAL B 169 4.92 -2.95 19.25
CA VAL B 169 5.78 -3.54 20.31
C VAL B 169 7.08 -2.73 20.42
N LYS B 170 7.65 -2.35 19.27
CA LYS B 170 8.92 -1.57 19.18
C LYS B 170 8.80 -0.26 19.95
N TYR B 171 7.68 0.45 19.83
CA TYR B 171 7.46 1.77 20.49
C TYR B 171 6.87 1.59 21.90
N ALA B 172 6.42 0.38 22.24
CA ALA B 172 5.82 0.04 23.55
C ALA B 172 6.91 -0.53 24.49
N ASN B 173 7.98 -1.10 23.91
CA ASN B 173 9.22 -1.53 24.62
C ASN B 173 9.94 -0.31 25.22
N SER B 174 9.54 0.91 24.84
CA SER B 174 10.19 2.19 25.23
C SER B 174 9.18 3.33 25.13
N GLY B 175 8.01 3.18 25.75
CA GLY B 175 6.99 4.26 25.75
C GLY B 175 5.56 3.74 25.78
N SER B 176 4.64 4.59 25.37
CA SER B 176 3.25 4.68 25.88
C SER B 176 2.23 4.03 24.94
N VAL B 177 2.62 3.58 23.75
CA VAL B 177 1.66 3.13 22.71
C VAL B 177 1.15 1.72 23.04
N ARG B 178 -0.15 1.52 22.82
CA ARG B 178 -0.85 0.24 23.08
C ARG B 178 -1.82 -0.06 21.92
N LEU B 179 -2.08 -1.34 21.70
CA LEU B 179 -3.16 -1.82 20.80
C LEU B 179 -4.49 -1.89 21.58
N GLY B 180 -5.50 -1.20 21.07
CA GLY B 180 -6.85 -1.12 21.66
C GLY B 180 -7.76 -2.20 21.11
N GLY B 181 -7.45 -2.72 19.92
CA GLY B 181 -8.23 -3.82 19.33
C GLY B 181 -8.19 -3.86 17.83
N LEU B 182 -8.80 -4.91 17.28
CA LEU B 182 -8.99 -5.11 15.82
C LEU B 182 -10.44 -4.74 15.46
N ILE B 183 -10.61 -4.03 14.36
CA ILE B 183 -11.93 -3.74 13.77
C ILE B 183 -12.03 -4.56 12.48
N CYS B 184 -12.99 -5.47 12.40
CA CYS B 184 -13.16 -6.33 11.20
C CYS B 184 -14.12 -5.64 10.23
N ASN B 185 -13.59 -5.14 9.12
CA ASN B 185 -14.39 -4.66 7.97
C ASN B 185 -14.78 -5.90 7.15
N SER B 186 -16.02 -6.35 7.29
CA SER B 186 -16.55 -7.59 6.65
C SER B 186 -16.33 -7.53 5.14
N ARG B 187 -15.93 -8.66 4.57
CA ARG B 187 -15.86 -8.86 3.10
C ARG B 187 -16.89 -9.92 2.71
N ASN B 188 -17.97 -10.06 3.50
CA ASN B 188 -19.12 -10.97 3.25
C ASN B 188 -18.59 -12.40 3.06
N THR B 189 -17.82 -12.88 4.02
CA THR B 189 -16.95 -14.08 3.91
C THR B 189 -17.35 -15.09 4.99
N ASP B 190 -17.21 -16.39 4.67
CA ASP B 190 -17.67 -17.54 5.50
C ASP B 190 -17.12 -17.37 6.92
N ARG B 191 -17.98 -17.09 7.90
CA ARG B 191 -17.64 -17.06 9.36
C ARG B 191 -16.37 -16.22 9.57
N GLU B 192 -16.26 -15.12 8.83
CA GLU B 192 -15.09 -14.19 8.84
C GLU B 192 -14.79 -13.69 10.27
N ASP B 193 -15.82 -13.39 11.07
CA ASP B 193 -15.66 -12.85 12.45
C ASP B 193 -14.77 -13.80 13.27
N GLU B 194 -14.95 -15.11 13.14
CA GLU B 194 -14.20 -16.14 13.92
C GLU B 194 -12.71 -16.09 13.61
N LEU B 195 -12.36 -15.80 12.36
CA LEU B 195 -10.97 -15.67 11.88
C LEU B 195 -10.31 -14.48 12.59
N ILE B 196 -10.96 -13.33 12.63
CA ILE B 196 -10.40 -12.09 13.25
C ILE B 196 -10.41 -12.26 14.78
N ILE B 197 -11.42 -12.93 15.36
CA ILE B 197 -11.43 -13.21 16.81
C ILE B 197 -10.19 -14.08 17.14
N ALA B 198 -9.92 -15.12 16.34
CA ALA B 198 -8.78 -16.05 16.55
C ALA B 198 -7.48 -15.25 16.50
N LEU B 199 -7.33 -14.38 15.51
CA LEU B 199 -6.14 -13.51 15.39
C LEU B 199 -6.02 -12.65 16.64
N ALA B 200 -7.10 -11.97 17.06
CA ALA B 200 -7.11 -11.09 18.25
C ALA B 200 -6.65 -11.90 19.47
N ASN B 201 -7.14 -13.13 19.60
CA ASN B 201 -6.80 -14.03 20.73
C ASN B 201 -5.29 -14.34 20.71
N LYS B 202 -4.72 -14.64 19.55
CA LYS B 202 -3.25 -14.91 19.41
C LYS B 202 -2.44 -13.65 19.73
N LEU B 203 -2.89 -12.46 19.31
CA LEU B 203 -2.19 -11.17 19.56
C LEU B 203 -2.35 -10.70 21.02
N GLY B 204 -3.31 -11.23 21.78
CA GLY B 204 -3.58 -10.79 23.16
C GLY B 204 -4.44 -9.53 23.20
N THR B 205 -5.24 -9.31 22.16
CA THR B 205 -6.17 -8.16 22.04
C THR B 205 -7.59 -8.70 21.89
N GLN B 206 -8.47 -7.89 21.30
CA GLN B 206 -9.92 -8.18 21.14
C GLN B 206 -10.33 -7.74 19.73
N MET B 207 -11.35 -8.40 19.18
CA MET B 207 -12.08 -7.84 18.03
C MET B 207 -13.12 -6.89 18.62
N ILE B 208 -12.85 -5.59 18.57
CA ILE B 208 -13.69 -4.58 19.28
C ILE B 208 -15.02 -4.41 18.53
N HIS B 209 -15.05 -4.61 17.22
CA HIS B 209 -16.34 -4.67 16.48
C HIS B 209 -16.16 -5.36 15.13
N PHE B 210 -17.20 -6.08 14.71
CA PHE B 210 -17.39 -6.60 13.34
C PHE B 210 -18.32 -5.65 12.57
N VAL B 211 -17.76 -4.93 11.62
CA VAL B 211 -18.49 -3.99 10.73
C VAL B 211 -19.03 -4.78 9.54
N PRO B 212 -20.36 -4.97 9.45
CA PRO B 212 -20.96 -5.69 8.33
C PRO B 212 -20.84 -4.92 7.01
N ARG B 213 -20.94 -5.65 5.90
CA ARG B 213 -21.13 -5.12 4.53
C ARG B 213 -22.58 -4.64 4.41
N ASP B 214 -22.80 -3.41 3.94
CA ASP B 214 -24.16 -2.87 3.77
C ASP B 214 -24.13 -1.87 2.61
N ASN B 215 -25.02 -2.05 1.64
CA ASN B 215 -25.24 -1.14 0.48
C ASN B 215 -25.24 0.33 0.93
N VAL B 216 -25.82 0.61 2.11
CA VAL B 216 -26.03 2.01 2.61
C VAL B 216 -24.69 2.72 2.78
N VAL B 217 -23.61 1.99 3.05
CA VAL B 217 -22.24 2.59 3.22
C VAL B 217 -21.82 3.22 1.88
N GLN B 218 -21.97 2.48 0.78
CA GLN B 218 -21.60 2.95 -0.59
C GLN B 218 -22.53 4.11 -0.98
N ARG B 219 -23.82 3.98 -0.67
CA ARG B 219 -24.82 5.04 -0.98
C ARG B 219 -24.40 6.35 -0.29
N ALA B 220 -23.98 6.29 0.98
CA ALA B 220 -23.57 7.49 1.75
C ALA B 220 -22.25 8.02 1.18
N GLU B 221 -21.29 7.12 0.93
CA GLU B 221 -19.95 7.45 0.36
C GLU B 221 -20.12 8.28 -0.92
N ILE B 222 -21.02 7.84 -1.81
CA ILE B 222 -21.32 8.50 -3.11
C ILE B 222 -21.73 9.97 -2.87
N ARG B 223 -22.45 10.26 -1.77
CA ARG B 223 -22.90 11.63 -1.42
C ARG B 223 -21.87 12.32 -0.54
N ARG B 224 -20.67 11.76 -0.41
CA ARG B 224 -19.56 12.31 0.41
C ARG B 224 -20.02 12.52 1.85
N MET B 225 -20.72 11.54 2.43
CA MET B 225 -21.09 11.58 3.86
C MET B 225 -20.95 10.18 4.51
N THR B 226 -21.01 10.16 5.84
CA THR B 226 -21.04 8.95 6.69
C THR B 226 -22.47 8.42 6.68
N VAL B 227 -22.66 7.14 7.01
CA VAL B 227 -24.01 6.51 7.17
C VAL B 227 -24.74 7.25 8.30
N ILE B 228 -24.00 7.64 9.35
CA ILE B 228 -24.52 8.38 10.53
C ILE B 228 -25.29 9.60 10.05
N GLU B 229 -24.75 10.33 9.07
CA GLU B 229 -25.37 11.58 8.55
C GLU B 229 -26.37 11.25 7.44
N TYR B 230 -26.05 10.33 6.52
CA TYR B 230 -26.88 9.97 5.35
C TYR B 230 -28.21 9.37 5.81
N ASP B 231 -28.14 8.34 6.66
CA ASP B 231 -29.31 7.51 7.07
C ASP B 231 -29.17 7.17 8.55
N PRO B 232 -29.46 8.13 9.46
CA PRO B 232 -29.26 7.94 10.89
C PRO B 232 -30.09 6.82 11.53
N LYS B 233 -31.17 6.38 10.88
CA LYS B 233 -32.07 5.30 11.39
C LYS B 233 -31.72 3.95 10.75
N ALA B 234 -30.65 3.90 9.93
CA ALA B 234 -30.18 2.66 9.27
C ALA B 234 -29.61 1.71 10.33
N LYS B 235 -29.79 0.40 10.12
CA LYS B 235 -29.18 -0.67 10.96
C LYS B 235 -27.66 -0.49 10.99
N GLN B 236 -27.04 -0.10 9.87
CA GLN B 236 -25.58 0.08 9.76
C GLN B 236 -25.16 1.28 10.63
N ALA B 237 -25.99 2.32 10.74
CA ALA B 237 -25.70 3.49 11.61
C ALA B 237 -25.52 3.00 13.06
N ASP B 238 -26.33 2.04 13.49
CA ASP B 238 -26.24 1.45 14.86
C ASP B 238 -24.96 0.61 14.99
N GLU B 239 -24.43 0.08 13.90
CA GLU B 239 -23.17 -0.71 13.92
C GLU B 239 -22.03 0.24 14.30
N TYR B 240 -21.97 1.44 13.70
CA TYR B 240 -20.91 2.43 14.00
C TYR B 240 -21.11 3.00 15.41
N ARG B 241 -22.35 3.20 15.83
CA ARG B 241 -22.68 3.65 17.22
C ARG B 241 -22.14 2.64 18.24
N ALA B 242 -22.32 1.34 17.96
CA ALA B 242 -21.88 0.23 18.84
C ALA B 242 -20.35 0.26 18.94
N LEU B 243 -19.66 0.37 17.80
CA LEU B 243 -18.18 0.50 17.72
C LEU B 243 -17.75 1.75 18.51
N ALA B 244 -18.40 2.89 18.29
CA ALA B 244 -18.05 4.17 18.96
C ALA B 244 -18.18 4.01 20.49
N ARG B 245 -19.28 3.41 20.95
CA ARG B 245 -19.55 3.21 22.41
C ARG B 245 -18.42 2.36 23.01
N LYS B 246 -18.00 1.28 22.32
CA LYS B 246 -16.95 0.36 22.82
C LYS B 246 -15.58 1.04 22.84
N VAL B 247 -15.29 1.91 21.87
CA VAL B 247 -14.01 2.68 21.85
C VAL B 247 -13.99 3.62 23.07
N VAL B 248 -15.06 4.39 23.26
CA VAL B 248 -15.21 5.34 24.40
C VAL B 248 -14.93 4.59 25.71
N ASP B 249 -15.50 3.40 25.90
CA ASP B 249 -15.45 2.64 27.17
C ASP B 249 -14.21 1.73 27.24
N ASN B 250 -13.34 1.73 26.23
CA ASN B 250 -12.27 0.70 26.10
C ASN B 250 -11.18 0.91 27.15
N LYS B 251 -10.90 -0.15 27.92
CA LYS B 251 -9.81 -0.22 28.92
C LYS B 251 -8.74 -1.19 28.43
N LEU B 252 -9.05 -2.04 27.44
CA LEU B 252 -8.12 -3.12 27.04
C LEU B 252 -7.10 -2.53 26.06
N LEU B 253 -6.04 -1.93 26.61
CA LEU B 253 -4.91 -1.34 25.85
C LEU B 253 -3.66 -2.13 26.22
N VAL B 254 -3.21 -2.98 25.28
CA VAL B 254 -2.20 -4.05 25.55
C VAL B 254 -0.98 -3.85 24.68
N ILE B 255 0.14 -4.43 25.12
CA ILE B 255 1.29 -4.68 24.22
C ILE B 255 0.99 -6.00 23.55
N PRO B 256 0.82 -6.00 22.20
CA PRO B 256 0.42 -7.19 21.49
C PRO B 256 1.55 -8.22 21.38
N ASN B 257 1.19 -9.45 21.03
CA ASN B 257 2.09 -10.61 20.90
C ASN B 257 2.04 -11.06 19.44
N PRO B 258 2.81 -10.42 18.54
CA PRO B 258 2.77 -10.78 17.12
C PRO B 258 3.08 -12.26 16.90
N ILE B 259 2.49 -12.84 15.86
CA ILE B 259 2.61 -14.29 15.55
C ILE B 259 3.62 -14.51 14.41
N THR B 260 4.09 -15.75 14.28
CA THR B 260 5.01 -16.20 13.21
C THR B 260 4.20 -16.34 11.92
N MET B 261 4.85 -16.30 10.75
CA MET B 261 4.15 -16.56 9.46
C MET B 261 3.60 -17.99 9.48
N ASP B 262 4.29 -18.95 10.11
CA ASP B 262 3.78 -20.34 10.27
C ASP B 262 2.41 -20.31 10.95
N GLU B 263 2.28 -19.59 12.08
CA GLU B 263 1.02 -19.49 12.86
C GLU B 263 -0.08 -18.87 11.98
N LEU B 264 0.23 -17.77 11.29
CA LEU B 264 -0.75 -17.06 10.44
C LEU B 264 -1.23 -18.02 9.34
N GLU B 265 -0.29 -18.70 8.66
CA GLU B 265 -0.59 -19.64 7.55
C GLU B 265 -1.53 -20.74 8.08
N GLU B 266 -1.24 -21.32 9.24
CA GLU B 266 -2.05 -22.40 9.87
C GLU B 266 -3.48 -21.88 10.11
N LEU B 267 -3.60 -20.64 10.58
CA LEU B 267 -4.90 -19.94 10.79
C LEU B 267 -5.67 -19.88 9.47
N LEU B 268 -5.04 -19.35 8.42
CA LEU B 268 -5.67 -19.11 7.11
C LEU B 268 -6.11 -20.44 6.48
N MET B 269 -5.27 -21.48 6.59
CA MET B 269 -5.56 -22.83 6.03
C MET B 269 -6.72 -23.46 6.79
N GLU B 270 -6.73 -23.36 8.12
CA GLU B 270 -7.84 -23.84 8.99
C GLU B 270 -9.16 -23.17 8.56
N PHE B 271 -9.13 -21.87 8.21
CA PHE B 271 -10.32 -21.09 7.76
C PHE B 271 -10.22 -20.86 6.23
FE1 SF4 C . 10.98 5.15 3.53
FE2 SF4 C . 8.87 5.73 2.06
FE3 SF4 C . 9.47 7.25 4.22
FE4 SF4 C . 8.52 4.81 4.51
S1 SF4 C . 7.46 6.54 3.56
S2 SF4 C . 10.31 5.67 5.58
S3 SF4 C . 9.43 3.70 2.85
S4 SF4 C . 10.65 7.03 2.34
#